data_7ATL
#
_entry.id   7ATL
#
_cell.length_a   99.433
_cell.length_b   99.433
_cell.length_c   228.132
_cell.angle_alpha   90.000
_cell.angle_beta   90.000
_cell.angle_gamma   120.000
#
_symmetry.space_group_name_H-M   'P 61 2 2'
#
loop_
_entity.id
_entity.type
_entity.pdbx_description
1 polymer Esterase
2 non-polymer DI(HYDROXYETHYL)ETHER
3 non-polymer 'TETRAETHYLENE GLYCOL'
4 non-polymer 'PENTAETHYLENE GLYCOL'
5 non-polymer 1,2-ETHANEDIOL
6 water water
#
_entity_poly.entity_id   1
_entity_poly.type   'polypeptide(L)'
_entity_poly.pdbx_seq_one_letter_code
;MSIADQSLAKRVQGVSQQAIDEGRIVGSVVLIARHGRVIYANASGYADREQKKPMVRETQFRLSSVSKPYITLAAMRMIE
QQKLGLDDTVSRWLPWFTPALADGVRPPIKIRHLLSHTAGLDYRLSQPAEGPYHRLGIKDGMELSSLTLEQNLRLLAQAD
LLAEPGSEFRYSLAIDVLGAVLEQVAGEPLPQVFNHWVAQPLGLRNTGFYTTDVDNLATAYHDTAAEPEPIRDGMLLTLP
EGFGFEIELAPSRALDAQAYPSGGAGMVGDADDVLQLVETLRTGKEGILQPATAALMRQAHVGSHAETQGPGWGFGFGGA
VLEDAQLAATPQHNGTLQWGGVYGHSWFYDPQAAISVVALTNTAFEGMSGRYPLQIRDAVYGTNEPTRGGHHHHHH
;
_entity_poly.pdbx_strand_id   AAA
#
loop_
_chem_comp.id
_chem_comp.type
_chem_comp.name
_chem_comp.formula
1PE non-polymer 'PENTAETHYLENE GLYCOL' 'C10 H22 O6'
EDO non-polymer 1,2-ETHANEDIOL 'C2 H6 O2'
PEG non-polymer DI(HYDROXYETHYL)ETHER 'C4 H10 O3'
PG4 non-polymer 'TETRAETHYLENE GLYCOL' 'C8 H18 O5'
#
# COMPACT_ATOMS: atom_id res chain seq x y z
N SER A 2 19.70 -16.83 19.88
CA SER A 2 19.26 -16.05 21.07
C SER A 2 17.96 -16.65 21.62
N ILE A 3 17.79 -16.64 22.94
CA ILE A 3 16.50 -16.99 23.61
C ILE A 3 15.46 -15.89 23.30
N ALA A 4 15.87 -14.61 23.18
CA ALA A 4 14.97 -13.46 22.95
C ALA A 4 14.33 -13.63 21.56
N ASP A 5 15.13 -14.08 20.58
CA ASP A 5 14.69 -14.35 19.17
C ASP A 5 13.69 -15.53 19.12
N GLN A 6 13.89 -16.60 19.89
CA GLN A 6 12.94 -17.76 19.90
C GLN A 6 11.79 -17.48 20.88
N SER A 7 11.99 -16.53 21.78
CA SER A 7 10.91 -15.99 22.66
C SER A 7 9.90 -15.21 21.79
N LEU A 8 10.41 -14.47 20.81
CA LEU A 8 9.64 -13.68 19.83
C LEU A 8 8.85 -14.64 18.94
N ALA A 9 9.56 -15.56 18.31
CA ALA A 9 8.99 -16.67 17.51
C ALA A 9 7.80 -17.29 18.26
N LYS A 10 7.95 -17.58 19.55
CA LYS A 10 6.89 -18.09 20.44
C LYS A 10 5.67 -17.16 20.29
N ARG A 11 5.81 -15.88 20.64
CA ARG A 11 4.68 -14.90 20.76
C ARG A 11 3.99 -14.73 19.42
N VAL A 12 4.78 -14.54 18.35
CA VAL A 12 4.28 -14.22 16.98
C VAL A 12 3.53 -15.44 16.42
N GLN A 13 4.20 -16.59 16.38
CA GLN A 13 3.60 -17.91 16.04
C GLN A 13 2.25 -18.07 16.79
N GLY A 14 2.23 -17.76 18.09
CA GLY A 14 1.03 -17.89 18.93
C GLY A 14 -0.11 -17.07 18.38
N VAL A 15 0.17 -15.82 17.99
CA VAL A 15 -0.86 -14.86 17.48
C VAL A 15 -1.42 -15.38 16.15
N SER A 16 -0.57 -15.94 15.29
CA SER A 16 -0.94 -16.45 13.95
C SER A 16 -1.76 -17.73 14.09
N GLN A 17 -1.33 -18.66 14.93
CA GLN A 17 -2.00 -19.97 15.12
C GLN A 17 -3.40 -19.70 15.70
N GLN A 18 -3.50 -18.85 16.70
CA GLN A 18 -4.77 -18.44 17.33
C GLN A 18 -5.73 -17.89 16.25
N ALA A 19 -5.24 -16.98 15.41
CA ALA A 19 -6.01 -16.24 14.39
C ALA A 19 -6.54 -17.24 13.35
N ILE A 20 -5.77 -18.27 13.02
CA ILE A 20 -6.23 -19.35 12.12
C ILE A 20 -7.35 -20.16 12.79
N ASP A 21 -7.11 -20.72 13.98
CA ASP A 21 -8.07 -21.57 14.73
C ASP A 21 -9.35 -20.78 15.00
N GLU A 22 -9.26 -19.46 15.15
CA GLU A 22 -10.47 -18.61 15.37
C GLU A 22 -11.16 -18.34 14.02
N GLY A 23 -10.61 -18.81 12.89
CA GLY A 23 -11.06 -18.51 11.51
C GLY A 23 -11.09 -17.00 11.21
N ARG A 24 -10.14 -16.23 11.76
CA ARG A 24 -10.00 -14.77 11.53
C ARG A 24 -9.07 -14.58 10.32
N ILE A 25 -8.07 -15.44 10.20
CA ILE A 25 -7.05 -15.46 9.12
C ILE A 25 -7.04 -16.87 8.52
N VAL A 26 -6.89 -16.97 7.21
CA VAL A 26 -6.83 -18.25 6.46
C VAL A 26 -5.35 -18.67 6.36
N GLY A 27 -4.51 -17.71 5.98
CA GLY A 27 -3.05 -17.87 5.82
C GLY A 27 -2.32 -16.54 5.90
N SER A 28 -1.06 -16.55 6.32
CA SER A 28 -0.21 -15.34 6.40
C SER A 28 1.25 -15.72 6.19
N VAL A 29 2.02 -14.77 5.70
CA VAL A 29 3.51 -14.77 5.75
C VAL A 29 3.93 -13.54 6.55
N VAL A 30 4.64 -13.72 7.65
CA VAL A 30 5.11 -12.63 8.56
C VAL A 30 6.64 -12.67 8.65
N LEU A 31 7.32 -11.57 8.33
CA LEU A 31 8.79 -11.41 8.36
C LEU A 31 9.16 -10.27 9.33
N ILE A 32 10.18 -10.48 10.17
CA ILE A 32 10.71 -9.43 11.08
C ILE A 32 12.23 -9.38 10.94
N ALA A 33 12.76 -8.17 10.72
CA ALA A 33 14.21 -7.87 10.68
C ALA A 33 14.53 -6.96 11.87
N ARG A 34 15.70 -7.14 12.47
CA ARG A 34 16.32 -6.10 13.33
C ARG A 34 17.70 -5.78 12.77
N HIS A 35 17.99 -4.48 12.62
CA HIS A 35 19.23 -4.01 11.96
C HIS A 35 19.46 -4.78 10.64
N GLY A 36 18.38 -5.13 9.91
CA GLY A 36 18.47 -5.65 8.53
C GLY A 36 18.55 -7.16 8.47
N ARG A 37 18.61 -7.84 9.59
CA ARG A 37 18.77 -9.32 9.64
C ARG A 37 17.39 -9.88 9.94
N VAL A 38 16.97 -10.88 9.16
CA VAL A 38 15.67 -11.56 9.37
C VAL A 38 15.79 -12.34 10.70
N ILE A 39 15.17 -11.86 11.77
CA ILE A 39 15.13 -12.57 13.08
C ILE A 39 13.91 -13.50 13.15
N TYR A 40 12.88 -13.32 12.32
CA TYR A 40 11.69 -14.20 12.27
C TYR A 40 11.10 -14.23 10.85
N ALA A 41 10.81 -15.43 10.34
CA ALA A 41 10.17 -15.67 9.01
C ALA A 41 9.21 -16.84 9.12
N ASN A 42 7.92 -16.66 8.84
CA ASN A 42 6.95 -17.79 9.01
C ASN A 42 5.75 -17.68 8.08
N ALA A 43 5.49 -18.74 7.32
CA ALA A 43 4.24 -18.99 6.56
C ALA A 43 3.29 -19.81 7.44
N SER A 44 2.05 -19.39 7.65
CA SER A 44 1.04 -20.14 8.45
C SER A 44 -0.21 -20.39 7.61
N GLY A 45 -0.94 -21.47 7.88
CA GLY A 45 -2.24 -21.75 7.27
C GLY A 45 -2.12 -22.00 5.77
N TYR A 46 -3.18 -21.70 5.02
CA TYR A 46 -3.32 -22.09 3.58
C TYR A 46 -3.25 -20.86 2.66
N ALA A 47 -2.56 -21.03 1.54
CA ALA A 47 -2.64 -20.16 0.35
C ALA A 47 -4.07 -20.29 -0.18
N ASP A 48 -4.54 -21.54 -0.32
CA ASP A 48 -5.93 -21.92 -0.68
C ASP A 48 -6.44 -23.00 0.31
N ARG A 49 -7.49 -22.68 1.08
CA ARG A 49 -8.11 -23.60 2.08
C ARG A 49 -8.79 -24.78 1.38
N GLU A 50 -9.63 -24.51 0.40
CA GLU A 50 -10.45 -25.54 -0.29
C GLU A 50 -9.52 -26.58 -0.93
N GLN A 51 -8.39 -26.20 -1.54
CA GLN A 51 -7.39 -27.17 -2.09
C GLN A 51 -6.35 -27.63 -1.03
N LYS A 52 -6.52 -27.22 0.23
CA LYS A 52 -5.54 -27.41 1.34
C LYS A 52 -4.12 -27.25 0.78
N LYS A 53 -3.85 -26.18 0.04
CA LYS A 53 -2.47 -25.80 -0.38
C LYS A 53 -1.84 -25.00 0.77
N PRO A 54 -0.78 -25.51 1.42
CA PRO A 54 -0.18 -24.80 2.54
C PRO A 54 0.41 -23.47 2.05
N MET A 55 0.24 -22.43 2.86
CA MET A 55 0.95 -21.13 2.67
C MET A 55 2.44 -21.41 2.84
N VAL A 56 3.26 -20.91 1.93
CA VAL A 56 4.74 -20.97 2.02
C VAL A 56 5.28 -19.52 1.96
N ARG A 57 6.56 -19.34 2.33
CA ARG A 57 7.23 -18.03 2.46
C ARG A 57 7.22 -17.32 1.10
N GLU A 58 7.39 -18.08 0.00
CA GLU A 58 7.47 -17.57 -1.40
C GLU A 58 6.08 -17.30 -1.98
N THR A 59 4.99 -17.62 -1.28
CA THR A 59 3.62 -17.36 -1.81
C THR A 59 3.48 -15.88 -2.19
N GLN A 60 3.03 -15.62 -3.40
CA GLN A 60 2.80 -14.26 -3.92
C GLN A 60 1.40 -13.79 -3.49
N PHE A 61 1.26 -12.50 -3.26
CA PHE A 61 -0.03 -11.89 -2.86
C PHE A 61 -0.42 -10.78 -3.84
N ARG A 62 -1.72 -10.56 -3.93
CA ARG A 62 -2.29 -9.28 -4.40
C ARG A 62 -1.95 -8.26 -3.33
N LEU A 63 -1.31 -7.15 -3.70
CA LEU A 63 -0.72 -6.21 -2.70
C LEU A 63 -1.67 -5.06 -2.34
N SER A 64 -2.69 -4.74 -3.15
CA SER A 64 -3.53 -3.50 -3.08
C SER A 64 -2.64 -2.30 -2.71
N SER A 65 -2.90 -1.59 -1.61
CA SER A 65 -2.16 -0.33 -1.29
C SER A 65 -0.71 -0.58 -0.88
N VAL A 66 -0.27 -1.83 -0.73
CA VAL A 66 1.19 -2.08 -0.55
C VAL A 66 1.90 -1.72 -1.85
N SER A 67 1.17 -1.47 -2.93
CA SER A 67 1.68 -0.91 -4.21
C SER A 67 2.25 0.51 -4.01
N LYS A 68 1.68 1.29 -3.10
CA LYS A 68 2.00 2.73 -2.93
C LYS A 68 3.46 2.99 -2.54
N PRO A 69 4.00 2.36 -1.47
CA PRO A 69 5.39 2.61 -1.08
C PRO A 69 6.38 2.21 -2.18
N TYR A 70 6.06 1.15 -2.92
CA TYR A 70 6.80 0.72 -4.14
C TYR A 70 6.92 1.89 -5.13
N ILE A 71 5.80 2.53 -5.49
CA ILE A 71 5.80 3.54 -6.59
C ILE A 71 6.25 4.89 -6.00
N THR A 72 5.96 5.14 -4.73
CA THR A 72 6.54 6.29 -3.98
C THR A 72 8.08 6.17 -4.03
N LEU A 73 8.63 4.97 -3.79
CA LEU A 73 10.10 4.73 -3.88
C LEU A 73 10.60 5.08 -5.29
N ALA A 74 9.91 4.66 -6.36
CA ALA A 74 10.34 4.94 -7.74
C ALA A 74 10.48 6.45 -7.93
N ALA A 75 9.46 7.21 -7.51
CA ALA A 75 9.42 8.69 -7.57
C ALA A 75 10.56 9.32 -6.76
N MET A 76 10.77 8.88 -5.53
CA MET A 76 11.79 9.48 -4.64
C MET A 76 13.18 9.27 -5.24
N ARG A 77 13.38 8.16 -5.90
CA ARG A 77 14.66 7.91 -6.62
C ARG A 77 14.78 8.90 -7.78
N MET A 78 13.70 9.13 -8.52
CA MET A 78 13.74 10.00 -9.72
C MET A 78 14.03 11.42 -9.22
N ILE A 79 13.50 11.74 -8.04
CA ILE A 79 13.64 13.07 -7.40
C ILE A 79 15.09 13.24 -6.93
N GLU A 80 15.69 12.21 -6.33
CA GLU A 80 17.12 12.22 -5.94
C GLU A 80 17.98 12.59 -7.14
N GLN A 81 17.70 11.99 -8.29
CA GLN A 81 18.47 12.23 -9.54
C GLN A 81 18.04 13.55 -10.21
N GLN A 82 17.07 14.25 -9.66
CA GLN A 82 16.60 15.54 -10.25
C GLN A 82 16.13 15.31 -11.70
N LYS A 83 15.41 14.21 -11.95
CA LYS A 83 14.59 14.00 -13.17
C LYS A 83 13.15 14.46 -12.90
N LEU A 84 12.77 14.57 -11.61
CA LEU A 84 11.45 14.98 -11.10
C LEU A 84 11.65 15.92 -9.90
N GLY A 85 10.74 16.88 -9.67
CA GLY A 85 10.81 17.79 -8.51
C GLY A 85 9.62 17.63 -7.56
N LEU A 86 9.87 17.70 -6.25
CA LEU A 86 8.78 17.67 -5.24
C LEU A 86 7.74 18.76 -5.53
N ASP A 87 8.15 19.87 -6.17
CA ASP A 87 7.32 21.08 -6.40
C ASP A 87 6.99 21.22 -7.89
N ASP A 88 7.22 20.18 -8.68
CA ASP A 88 6.68 20.13 -10.07
C ASP A 88 5.16 20.05 -10.01
N THR A 89 4.49 20.78 -10.89
CA THR A 89 3.04 20.60 -11.12
C THR A 89 2.82 19.25 -11.79
N VAL A 90 1.63 18.69 -11.65
CA VAL A 90 1.24 17.45 -12.36
C VAL A 90 1.04 17.81 -13.83
N SER A 91 0.34 18.91 -14.07
CA SER A 91 0.02 19.39 -15.43
C SER A 91 1.29 19.55 -16.28
N ARG A 92 2.44 19.82 -15.66
CA ARG A 92 3.76 19.88 -16.37
C ARG A 92 4.06 18.54 -17.06
N TRP A 93 3.68 17.44 -16.42
CA TRP A 93 3.98 16.07 -16.89
C TRP A 93 2.76 15.46 -17.63
N LEU A 94 1.53 15.75 -17.18
CA LEU A 94 0.28 15.33 -17.85
C LEU A 94 -0.54 16.56 -18.23
N PRO A 95 -0.28 17.22 -19.40
CA PRO A 95 -0.87 18.54 -19.68
C PRO A 95 -2.41 18.59 -19.58
N TRP A 96 -3.08 17.46 -19.77
CA TRP A 96 -4.55 17.29 -19.73
C TRP A 96 -5.08 17.05 -18.30
N PHE A 97 -4.22 16.72 -17.32
CA PHE A 97 -4.66 16.54 -15.92
C PHE A 97 -4.71 17.90 -15.22
N THR A 98 -5.83 18.60 -15.43
CA THR A 98 -6.05 19.97 -14.91
C THR A 98 -7.42 20.06 -14.26
N PRO A 99 -7.74 19.20 -13.26
CA PRO A 99 -9.04 19.23 -12.61
C PRO A 99 -9.32 20.54 -11.87
N ALA A 100 -10.62 20.79 -11.65
CA ALA A 100 -11.15 22.03 -11.05
C ALA A 100 -11.78 21.72 -9.70
N LEU A 101 -11.84 22.69 -8.80
CA LEU A 101 -12.76 22.64 -7.62
C LEU A 101 -14.19 22.90 -8.12
N ALA A 102 -15.20 22.75 -7.26
CA ALA A 102 -16.62 22.93 -7.63
C ALA A 102 -16.85 24.32 -8.25
N ASP A 103 -16.13 25.36 -7.79
CA ASP A 103 -16.35 26.78 -8.18
C ASP A 103 -15.66 27.09 -9.50
N GLY A 104 -14.85 26.19 -10.06
CA GLY A 104 -14.31 26.35 -11.43
C GLY A 104 -12.82 26.68 -11.47
N VAL A 105 -12.24 26.95 -10.30
CA VAL A 105 -10.78 27.23 -10.20
C VAL A 105 -10.02 25.94 -10.48
N ARG A 106 -8.94 26.02 -11.26
CA ARG A 106 -8.03 24.88 -11.60
C ARG A 106 -6.70 25.10 -10.91
N PRO A 107 -6.57 24.69 -9.63
CA PRO A 107 -5.35 24.94 -8.88
C PRO A 107 -4.29 23.93 -9.28
N PRO A 108 -3.00 24.36 -9.30
CA PRO A 108 -1.91 23.44 -9.60
C PRO A 108 -1.80 22.41 -8.47
N ILE A 109 -1.49 21.18 -8.86
CA ILE A 109 -1.20 20.05 -7.94
C ILE A 109 0.30 19.82 -8.02
N LYS A 110 0.93 19.73 -6.87
CA LYS A 110 2.38 19.47 -6.78
C LYS A 110 2.59 17.99 -6.50
N ILE A 111 3.72 17.47 -6.97
CA ILE A 111 4.18 16.07 -6.73
C ILE A 111 4.13 15.81 -5.22
N ARG A 112 4.53 16.75 -4.37
CA ARG A 112 4.53 16.47 -2.91
C ARG A 112 3.09 16.24 -2.41
N HIS A 113 2.12 16.84 -3.10
CA HIS A 113 0.69 16.65 -2.76
C HIS A 113 0.31 15.23 -3.16
N LEU A 114 0.72 14.77 -4.34
CA LEU A 114 0.44 13.35 -4.73
C LEU A 114 1.01 12.40 -3.65
N LEU A 115 2.24 12.61 -3.20
CA LEU A 115 2.97 11.67 -2.30
C LEU A 115 2.29 11.56 -0.94
N SER A 116 1.58 12.59 -0.48
CA SER A 116 1.03 12.71 0.88
C SER A 116 -0.50 12.75 0.83
N HIS A 117 -1.09 12.59 -0.36
CA HIS A 117 -2.56 12.48 -0.55
C HIS A 117 -3.24 13.79 -0.10
N THR A 118 -2.68 14.93 -0.47
CA THR A 118 -3.22 16.29 -0.17
C THR A 118 -3.60 16.96 -1.47
N ALA A 119 -3.60 16.23 -2.60
CA ALA A 119 -3.87 16.76 -3.96
C ALA A 119 -5.34 17.18 -4.15
N GLY A 120 -6.22 16.78 -3.23
CA GLY A 120 -7.67 17.02 -3.32
C GLY A 120 -8.38 15.92 -4.12
N LEU A 121 -7.65 14.85 -4.44
CA LEU A 121 -8.22 13.67 -5.12
C LEU A 121 -8.92 12.77 -4.09
N ASP A 122 -9.73 11.85 -4.61
CA ASP A 122 -10.55 10.94 -3.78
C ASP A 122 -10.33 9.50 -4.25
N TYR A 123 -11.06 8.57 -3.65
CA TYR A 123 -11.21 7.18 -4.11
C TYR A 123 -12.71 6.95 -4.32
N ARG A 124 -13.08 6.20 -5.35
CA ARG A 124 -14.49 5.84 -5.63
C ARG A 124 -15.02 5.05 -4.44
N LEU A 125 -14.15 4.26 -3.80
CA LEU A 125 -14.55 3.41 -2.64
C LEU A 125 -14.79 4.28 -1.39
N SER A 126 -14.34 5.54 -1.38
CA SER A 126 -14.64 6.54 -0.31
C SER A 126 -15.93 7.29 -0.62
N GLN A 127 -16.56 7.05 -1.79
CA GLN A 127 -17.75 7.80 -2.22
C GLN A 127 -18.97 6.89 -2.11
N PRO A 128 -20.15 7.45 -1.78
CA PRO A 128 -21.38 6.66 -1.73
C PRO A 128 -21.70 6.15 -3.14
N ALA A 129 -22.60 5.17 -3.27
CA ALA A 129 -23.17 4.70 -4.57
C ALA A 129 -23.74 5.90 -5.34
N GLU A 130 -23.53 5.93 -6.66
CA GLU A 130 -23.96 7.06 -7.53
C GLU A 130 -23.32 8.39 -7.08
N GLY A 131 -22.14 8.36 -6.45
CA GLY A 131 -21.32 9.56 -6.19
C GLY A 131 -20.53 9.94 -7.44
N PRO A 132 -19.87 11.11 -7.44
CA PRO A 132 -19.32 11.67 -8.68
C PRO A 132 -18.34 10.74 -9.42
N TYR A 133 -17.46 10.03 -8.71
CA TYR A 133 -16.53 9.06 -9.34
C TYR A 133 -17.30 7.86 -9.95
N HIS A 134 -18.35 7.33 -9.28
CA HIS A 134 -19.21 6.24 -9.81
CA HIS A 134 -19.21 6.24 -9.83
C HIS A 134 -19.83 6.70 -11.16
N ARG A 135 -20.48 7.86 -11.16
CA ARG A 135 -21.15 8.43 -12.35
C ARG A 135 -20.14 8.66 -13.47
N LEU A 136 -18.86 8.85 -13.19
CA LEU A 136 -17.88 9.11 -14.27
C LEU A 136 -17.22 7.81 -14.74
N GLY A 137 -17.33 6.71 -13.99
CA GLY A 137 -16.73 5.43 -14.39
C GLY A 137 -15.24 5.37 -14.07
N ILE A 138 -14.80 6.12 -13.08
CA ILE A 138 -13.41 6.09 -12.59
C ILE A 138 -13.19 4.74 -11.87
N LYS A 139 -12.04 4.13 -12.12
CA LYS A 139 -11.65 2.83 -11.50
C LYS A 139 -10.61 3.08 -10.40
N ASP A 140 -10.68 2.31 -9.34
CA ASP A 140 -9.78 2.45 -8.16
C ASP A 140 -8.54 1.58 -8.33
N GLY A 141 -8.46 0.73 -9.36
CA GLY A 141 -7.28 -0.11 -9.64
C GLY A 141 -7.44 -1.59 -9.29
N MET A 142 -8.55 -2.03 -8.70
CA MET A 142 -8.68 -3.44 -8.19
C MET A 142 -9.81 -4.22 -8.88
N GLU A 143 -10.58 -3.56 -9.76
CA GLU A 143 -11.80 -4.09 -10.41
C GLU A 143 -11.53 -4.34 -11.90
N LEU A 144 -12.43 -5.02 -12.60
CA LEU A 144 -12.30 -5.26 -14.06
C LEU A 144 -12.67 -3.98 -14.80
N SER A 145 -11.99 -3.70 -15.89
CA SER A 145 -12.26 -2.53 -16.76
C SER A 145 -11.59 -2.75 -18.12
N SER A 146 -12.00 -1.96 -19.11
CA SER A 146 -11.47 -1.97 -20.49
C SER A 146 -10.50 -0.79 -20.67
N LEU A 147 -10.19 -0.08 -19.59
CA LEU A 147 -9.43 1.20 -19.71
C LEU A 147 -7.93 0.93 -19.71
N THR A 148 -7.21 1.81 -20.41
CA THR A 148 -5.79 2.15 -20.14
C THR A 148 -5.75 3.07 -18.92
N LEU A 149 -4.58 3.17 -18.29
CA LEU A 149 -4.32 4.12 -17.19
C LEU A 149 -4.68 5.52 -17.65
N GLU A 150 -4.18 5.92 -18.82
CA GLU A 150 -4.41 7.27 -19.37
C GLU A 150 -5.92 7.52 -19.45
N GLN A 151 -6.69 6.55 -19.95
CA GLN A 151 -8.15 6.68 -20.16
C GLN A 151 -8.80 6.87 -18.79
N ASN A 152 -8.34 6.12 -17.78
CA ASN A 152 -8.88 6.24 -16.41
C ASN A 152 -8.55 7.60 -15.78
N LEU A 153 -7.35 8.13 -16.03
CA LEU A 153 -6.91 9.41 -15.41
C LEU A 153 -7.57 10.60 -16.16
N ARG A 154 -7.92 10.42 -17.44
CA ARG A 154 -8.67 11.46 -18.18
C ARG A 154 -10.08 11.54 -17.60
N LEU A 155 -10.61 10.41 -17.12
CA LEU A 155 -11.93 10.43 -16.46
C LEU A 155 -11.79 11.16 -15.12
N LEU A 156 -10.76 10.83 -14.35
CA LEU A 156 -10.47 11.44 -13.01
C LEU A 156 -10.30 12.96 -13.15
N ALA A 157 -9.65 13.39 -14.24
CA ALA A 157 -9.37 14.81 -14.56
C ALA A 157 -10.68 15.60 -14.65
N GLN A 158 -11.78 14.92 -15.01
CA GLN A 158 -13.11 15.57 -15.23
C GLN A 158 -13.91 15.69 -13.93
N ALA A 159 -13.42 15.07 -12.84
CA ALA A 159 -14.07 15.15 -11.51
C ALA A 159 -13.56 16.39 -10.76
N ASP A 160 -14.43 16.99 -9.98
CA ASP A 160 -14.06 18.05 -9.01
C ASP A 160 -12.99 17.47 -8.07
N LEU A 161 -11.93 18.25 -7.84
CA LEU A 161 -11.12 18.14 -6.60
C LEU A 161 -12.03 18.48 -5.42
N LEU A 162 -11.70 17.98 -4.23
CA LEU A 162 -12.50 18.21 -3.01
C LEU A 162 -11.92 19.35 -2.17
N ALA A 163 -10.74 19.84 -2.50
CA ALA A 163 -10.04 20.84 -1.68
C ALA A 163 -8.78 21.35 -2.40
N GLU A 164 -8.32 22.54 -2.03
CA GLU A 164 -7.05 23.12 -2.53
C GLU A 164 -5.94 22.11 -2.30
N PRO A 165 -5.20 21.71 -3.35
CA PRO A 165 -4.00 20.90 -3.20
C PRO A 165 -3.17 21.44 -2.04
N GLY A 166 -2.84 20.60 -1.05
CA GLY A 166 -2.00 20.96 0.10
C GLY A 166 -2.81 21.27 1.33
N SER A 167 -4.14 21.43 1.26
CA SER A 167 -4.92 21.95 2.42
C SER A 167 -5.31 20.80 3.35
N GLU A 168 -5.42 19.56 2.90
CA GLU A 168 -5.87 18.48 3.80
C GLU A 168 -5.54 17.10 3.23
N PHE A 169 -5.44 16.14 4.12
CA PHE A 169 -5.21 14.72 3.77
C PHE A 169 -6.55 14.07 3.44
N ARG A 170 -6.58 13.35 2.32
CA ARG A 170 -7.71 12.50 1.87
C ARG A 170 -7.11 11.38 1.03
N TYR A 171 -7.23 10.15 1.54
CA TYR A 171 -6.67 8.95 0.89
C TYR A 171 -7.24 8.87 -0.52
N SER A 172 -6.39 8.64 -1.51
CA SER A 172 -6.74 9.02 -2.89
C SER A 172 -6.09 8.14 -3.95
N LEU A 173 -6.58 8.31 -5.17
CA LEU A 173 -5.96 7.84 -6.43
C LEU A 173 -4.68 8.59 -6.74
N ALA A 174 -4.10 9.36 -5.82
CA ALA A 174 -2.93 10.21 -6.13
C ALA A 174 -1.79 9.35 -6.65
N ILE A 175 -1.60 8.14 -6.14
CA ILE A 175 -0.40 7.33 -6.49
C ILE A 175 -0.61 6.71 -7.89
N ASP A 176 -1.87 6.53 -8.30
CA ASP A 176 -2.19 6.10 -9.69
C ASP A 176 -1.78 7.24 -10.63
N VAL A 177 -2.06 8.49 -10.22
CA VAL A 177 -1.63 9.69 -11.00
C VAL A 177 -0.09 9.74 -11.04
N LEU A 178 0.57 9.51 -9.90
CA LEU A 178 2.05 9.55 -9.79
C LEU A 178 2.66 8.59 -10.79
N GLY A 179 2.10 7.38 -10.88
CA GLY A 179 2.53 6.34 -11.83
C GLY A 179 2.60 6.87 -13.26
N ALA A 180 1.54 7.55 -13.70
CA ALA A 180 1.49 8.16 -15.04
C ALA A 180 2.55 9.27 -15.14
N VAL A 181 2.70 10.09 -14.11
CA VAL A 181 3.80 11.10 -14.14
C VAL A 181 5.13 10.37 -14.36
N LEU A 182 5.40 9.33 -13.59
CA LEU A 182 6.67 8.58 -13.68
C LEU A 182 6.91 8.07 -15.11
N GLU A 183 5.87 7.61 -15.81
CA GLU A 183 5.94 7.19 -17.24
C GLU A 183 6.48 8.35 -18.09
N GLN A 184 5.96 9.56 -17.90
CA GLN A 184 6.39 10.72 -18.71
C GLN A 184 7.84 11.07 -18.36
N VAL A 185 8.25 10.97 -17.10
CA VAL A 185 9.65 11.31 -16.68
C VAL A 185 10.63 10.33 -17.35
N ALA A 186 10.34 9.02 -17.34
CA ALA A 186 11.26 7.96 -17.82
C ALA A 186 11.06 7.62 -19.30
N GLY A 187 9.94 7.99 -19.91
CA GLY A 187 9.62 7.73 -21.33
C GLY A 187 9.31 6.25 -21.57
N GLU A 188 8.71 5.58 -20.60
CA GLU A 188 8.32 4.15 -20.76
C GLU A 188 7.14 3.85 -19.84
N PRO A 189 6.37 2.77 -20.11
CA PRO A 189 5.21 2.42 -19.29
C PRO A 189 5.60 2.06 -17.86
N LEU A 190 4.65 2.18 -16.93
CA LEU A 190 4.90 2.08 -15.48
C LEU A 190 5.53 0.74 -15.09
N PRO A 191 5.15 -0.42 -15.68
CA PRO A 191 5.77 -1.70 -15.29
C PRO A 191 7.29 -1.69 -15.57
N GLN A 192 7.69 -1.09 -16.70
CA GLN A 192 9.12 -0.99 -17.07
C GLN A 192 9.78 0.03 -16.12
N VAL A 193 9.10 1.13 -15.80
CA VAL A 193 9.62 2.11 -14.80
C VAL A 193 9.93 1.39 -13.49
N PHE A 194 8.96 0.66 -12.95
CA PHE A 194 9.14 -0.08 -11.68
C PHE A 194 10.31 -1.05 -11.79
N ASN A 195 10.41 -1.75 -12.92
CA ASN A 195 11.46 -2.78 -13.09
C ASN A 195 12.83 -2.09 -13.04
N HIS A 196 13.02 -1.05 -13.85
CA HIS A 196 14.27 -0.26 -13.98
C HIS A 196 14.58 0.52 -12.70
N TRP A 197 13.58 1.10 -12.03
CA TRP A 197 13.83 2.07 -10.92
C TRP A 197 13.78 1.38 -9.56
N VAL A 198 13.12 0.24 -9.43
CA VAL A 198 12.98 -0.44 -8.11
C VAL A 198 13.43 -1.91 -8.21
N ALA A 199 12.78 -2.75 -9.00
CA ALA A 199 12.96 -4.22 -8.90
C ALA A 199 14.43 -4.62 -9.11
N GLN A 200 15.07 -4.08 -10.15
CA GLN A 200 16.47 -4.43 -10.50
C GLN A 200 17.42 -3.89 -9.43
N PRO A 201 17.45 -2.57 -9.15
CA PRO A 201 18.30 -2.04 -8.09
C PRO A 201 18.21 -2.74 -6.73
N LEU A 202 17.01 -3.12 -6.29
CA LEU A 202 16.75 -3.75 -4.97
C LEU A 202 16.89 -5.27 -5.05
N GLY A 203 17.12 -5.83 -6.25
CA GLY A 203 17.24 -7.28 -6.51
C GLY A 203 15.98 -8.06 -6.20
N LEU A 204 14.79 -7.47 -6.35
CA LEU A 204 13.50 -8.12 -6.01
C LEU A 204 13.33 -9.36 -6.90
N ARG A 205 12.78 -10.45 -6.39
CA ARG A 205 12.68 -11.72 -7.17
C ARG A 205 11.31 -11.84 -7.86
N ASN A 206 10.24 -11.26 -7.31
CA ASN A 206 8.88 -11.69 -7.72
C ASN A 206 7.82 -10.61 -7.43
N THR A 207 8.01 -9.40 -7.94
CA THR A 207 7.07 -8.30 -7.69
C THR A 207 6.84 -7.52 -8.99
N GLY A 208 5.58 -7.25 -9.33
CA GLY A 208 5.21 -6.53 -10.54
C GLY A 208 3.72 -6.24 -10.56
N PHE A 209 3.14 -6.12 -11.76
CA PHE A 209 1.78 -5.59 -11.99
C PHE A 209 0.79 -6.69 -12.38
N TYR A 210 1.31 -7.86 -12.73
CA TYR A 210 0.55 -9.12 -12.93
C TYR A 210 1.50 -10.31 -12.80
N THR A 211 0.94 -11.52 -12.64
CA THR A 211 1.72 -12.79 -12.57
C THR A 211 1.14 -13.77 -13.59
N THR A 212 2.00 -14.59 -14.20
CA THR A 212 1.62 -15.76 -15.03
C THR A 212 1.64 -17.04 -14.18
N ASP A 213 2.11 -16.97 -12.94
CA ASP A 213 2.24 -18.13 -12.03
C ASP A 213 0.97 -18.24 -11.18
N VAL A 214 -0.08 -18.81 -11.76
CA VAL A 214 -1.44 -18.93 -11.14
C VAL A 214 -1.36 -19.68 -9.80
N ASP A 215 -0.66 -20.82 -9.74
CA ASP A 215 -0.66 -21.75 -8.57
C ASP A 215 -0.01 -21.08 -7.36
N ASN A 216 0.92 -20.14 -7.53
CA ASN A 216 1.67 -19.56 -6.38
C ASN A 216 1.03 -18.25 -5.87
N LEU A 217 -0.09 -17.80 -6.43
CA LEU A 217 -0.79 -16.56 -5.96
C LEU A 217 -1.81 -16.96 -4.89
N ALA A 218 -1.63 -16.54 -3.65
CA ALA A 218 -2.59 -16.82 -2.57
C ALA A 218 -4.00 -16.43 -3.03
N THR A 219 -4.94 -17.31 -2.78
CA THR A 219 -6.38 -17.05 -2.98
C THR A 219 -6.86 -15.97 -2.00
N ALA A 220 -7.52 -14.94 -2.51
CA ALA A 220 -8.10 -13.85 -1.70
C ALA A 220 -9.39 -14.33 -1.04
N TYR A 221 -9.50 -14.13 0.27
CA TYR A 221 -10.69 -14.43 1.10
C TYR A 221 -11.13 -13.11 1.73
N HIS A 222 -12.38 -13.03 2.20
CA HIS A 222 -12.91 -11.87 2.95
C HIS A 222 -13.72 -12.39 4.15
N ASP A 223 -13.98 -11.53 5.16
CA ASP A 223 -14.62 -11.88 6.46
C ASP A 223 -16.14 -11.94 6.27
N THR A 224 -16.78 -13.04 6.74
CA THR A 224 -18.24 -13.32 6.60
C THR A 224 -18.82 -13.75 7.95
N ALA A 225 -20.10 -14.14 7.97
CA ALA A 225 -20.87 -14.71 9.10
C ALA A 225 -19.91 -15.21 10.20
N ALA A 226 -19.38 -16.43 10.07
CA ALA A 226 -18.34 -16.97 10.98
C ALA A 226 -17.04 -17.06 10.17
N GLU A 227 -17.06 -17.84 9.09
CA GLU A 227 -15.84 -18.27 8.34
C GLU A 227 -15.63 -17.33 7.16
N PRO A 228 -14.36 -17.17 6.70
CA PRO A 228 -14.04 -16.43 5.48
C PRO A 228 -14.29 -17.24 4.19
N GLU A 229 -14.96 -16.64 3.19
CA GLU A 229 -15.22 -17.27 1.86
C GLU A 229 -14.34 -16.58 0.82
N PRO A 230 -14.03 -17.25 -0.32
CA PRO A 230 -13.26 -16.63 -1.40
C PRO A 230 -13.96 -15.41 -2.01
N ILE A 231 -13.19 -14.43 -2.47
CA ILE A 231 -13.73 -13.20 -3.12
C ILE A 231 -14.03 -13.55 -4.57
N ARG A 232 -15.25 -13.30 -5.06
CA ARG A 232 -15.60 -13.56 -6.47
C ARG A 232 -15.35 -12.27 -7.24
N ASP A 233 -14.86 -12.37 -8.47
CA ASP A 233 -14.64 -11.18 -9.33
C ASP A 233 -15.86 -10.27 -9.23
N GLY A 234 -15.62 -8.96 -9.05
CA GLY A 234 -16.65 -7.89 -9.08
C GLY A 234 -17.50 -7.85 -7.82
N MET A 235 -17.07 -8.51 -6.75
CA MET A 235 -17.77 -8.45 -5.44
C MET A 235 -17.68 -7.03 -4.85
N LEU A 236 -18.82 -6.50 -4.38
CA LEU A 236 -18.88 -5.24 -3.61
C LEU A 236 -18.92 -5.54 -2.10
N LEU A 237 -17.80 -5.31 -1.43
CA LEU A 237 -17.59 -5.50 0.04
C LEU A 237 -17.78 -4.18 0.80
N THR A 238 -18.49 -4.20 1.93
CA THR A 238 -18.62 -3.04 2.84
C THR A 238 -17.28 -2.84 3.55
N LEU A 239 -16.67 -1.66 3.40
CA LEU A 239 -15.40 -1.36 4.09
C LEU A 239 -15.73 -1.18 5.57
N PRO A 240 -14.80 -1.52 6.48
CA PRO A 240 -15.00 -1.25 7.91
C PRO A 240 -15.23 0.26 8.12
N GLU A 241 -15.97 0.62 9.16
CA GLU A 241 -16.42 2.02 9.44
C GLU A 241 -15.20 2.96 9.44
N GLY A 242 -15.31 4.08 8.72
CA GLY A 242 -14.25 5.10 8.64
C GLY A 242 -13.32 4.91 7.45
N PHE A 243 -13.31 3.73 6.83
CA PHE A 243 -12.42 3.37 5.69
C PHE A 243 -13.06 3.76 4.34
N GLY A 244 -14.39 3.85 4.29
CA GLY A 244 -15.14 4.24 3.09
C GLY A 244 -16.53 3.64 3.10
N PHE A 245 -17.02 3.22 1.94
CA PHE A 245 -18.37 2.66 1.74
C PHE A 245 -18.14 1.25 1.23
N GLU A 246 -18.11 1.09 -0.10
CA GLU A 246 -18.10 -0.22 -0.79
C GLU A 246 -16.94 -0.22 -1.76
N ILE A 247 -16.19 -1.32 -1.76
CA ILE A 247 -14.99 -1.52 -2.61
C ILE A 247 -15.31 -2.66 -3.58
N GLU A 248 -14.87 -2.51 -4.83
CA GLU A 248 -15.07 -3.49 -5.91
C GLU A 248 -13.75 -4.24 -6.11
N LEU A 249 -13.73 -5.54 -5.85
CA LEU A 249 -12.51 -6.36 -5.99
C LEU A 249 -12.71 -7.41 -7.08
N ALA A 250 -11.68 -7.61 -7.88
CA ALA A 250 -11.64 -8.60 -8.97
C ALA A 250 -10.31 -9.34 -8.89
N PRO A 251 -10.24 -10.40 -8.05
CA PRO A 251 -9.02 -11.20 -7.91
C PRO A 251 -8.42 -11.76 -9.20
N SER A 252 -9.16 -11.85 -10.30
CA SER A 252 -8.61 -12.29 -11.60
C SER A 252 -7.69 -11.20 -12.20
N ARG A 253 -7.88 -9.93 -11.84
CA ARG A 253 -7.13 -8.79 -12.44
C ARG A 253 -5.62 -9.07 -12.41
N ALA A 254 -5.12 -9.59 -11.28
CA ALA A 254 -3.71 -9.95 -11.02
C ALA A 254 -3.14 -10.88 -12.12
N LEU A 255 -3.99 -11.58 -12.89
CA LEU A 255 -3.55 -12.59 -13.90
C LEU A 255 -3.59 -12.00 -15.31
N ASP A 256 -4.13 -10.79 -15.45
CA ASP A 256 -4.42 -10.14 -16.74
C ASP A 256 -3.24 -9.25 -17.12
N ALA A 257 -2.43 -9.63 -18.10
CA ALA A 257 -1.28 -8.84 -18.58
C ALA A 257 -1.75 -7.52 -19.22
N GLN A 258 -3.05 -7.40 -19.52
CA GLN A 258 -3.63 -6.22 -20.25
C GLN A 258 -4.20 -5.22 -19.24
N ALA A 259 -4.45 -5.62 -17.99
CA ALA A 259 -5.04 -4.73 -16.97
C ALA A 259 -4.10 -3.53 -16.77
N TYR A 260 -4.64 -2.30 -16.75
CA TYR A 260 -3.80 -1.08 -16.62
C TYR A 260 -3.04 -1.13 -15.28
N PRO A 261 -1.76 -0.72 -15.31
CA PRO A 261 -0.94 -0.68 -14.10
C PRO A 261 -1.42 0.38 -13.12
N SER A 262 -2.04 -0.06 -12.01
CA SER A 262 -2.48 0.82 -10.90
C SER A 262 -1.33 0.95 -9.91
N GLY A 263 -0.68 2.10 -9.89
CA GLY A 263 0.37 2.43 -8.90
C GLY A 263 -0.14 2.40 -7.46
N GLY A 264 -1.40 2.74 -7.25
CA GLY A 264 -2.02 2.72 -5.91
C GLY A 264 -2.47 1.34 -5.43
N ALA A 265 -2.80 0.39 -6.32
CA ALA A 265 -3.49 -0.84 -5.85
C ALA A 265 -3.33 -2.06 -6.75
N GLY A 266 -2.58 -1.99 -7.84
CA GLY A 266 -2.63 -3.06 -8.87
C GLY A 266 -1.51 -4.08 -8.82
N MET A 267 -0.59 -4.00 -7.85
CA MET A 267 0.64 -4.83 -7.91
C MET A 267 0.44 -6.17 -7.18
N VAL A 268 1.34 -7.12 -7.47
CA VAL A 268 1.49 -8.46 -6.84
C VAL A 268 2.95 -8.61 -6.41
N GLY A 269 3.20 -9.39 -5.36
CA GLY A 269 4.56 -9.60 -4.84
C GLY A 269 4.59 -10.43 -3.56
N ASP A 270 5.78 -10.93 -3.21
CA ASP A 270 5.99 -11.78 -2.01
C ASP A 270 6.46 -10.91 -0.86
N ALA A 271 6.40 -11.45 0.34
CA ALA A 271 6.73 -10.78 1.61
C ALA A 271 8.21 -10.32 1.59
N ASP A 272 9.14 -11.16 1.12
CA ASP A 272 10.60 -10.85 1.15
C ASP A 272 10.89 -9.64 0.27
N ASP A 273 10.19 -9.47 -0.84
CA ASP A 273 10.38 -8.28 -1.71
C ASP A 273 9.89 -7.07 -0.91
N VAL A 274 8.79 -7.18 -0.18
CA VAL A 274 8.25 -6.05 0.62
C VAL A 274 9.24 -5.69 1.74
N LEU A 275 9.90 -6.69 2.33
CA LEU A 275 10.84 -6.45 3.45
C LEU A 275 12.06 -5.70 2.93
N GLN A 276 12.53 -6.03 1.72
CA GLN A 276 13.62 -5.30 1.01
C GLN A 276 13.19 -3.84 0.89
N LEU A 277 11.96 -3.61 0.42
CA LEU A 277 11.40 -2.25 0.26
C LEU A 277 11.41 -1.50 1.61
N VAL A 278 10.91 -2.12 2.67
CA VAL A 278 10.73 -1.43 3.98
C VAL A 278 12.11 -1.15 4.61
N GLU A 279 13.05 -2.09 4.56
CA GLU A 279 14.45 -1.87 5.03
C GLU A 279 15.05 -0.67 4.30
N THR A 280 14.91 -0.63 2.97
CA THR A 280 15.39 0.48 2.11
C THR A 280 14.80 1.82 2.57
N LEU A 281 13.51 1.87 2.85
CA LEU A 281 12.82 3.08 3.35
C LEU A 281 13.36 3.42 4.74
N ARG A 282 13.73 2.45 5.56
CA ARG A 282 14.14 2.70 6.96
C ARG A 282 15.51 3.41 7.02
N THR A 283 16.49 3.06 6.16
CA THR A 283 17.92 3.46 6.30
C THR A 283 18.51 4.07 5.02
N GLY A 284 17.87 3.88 3.87
CA GLY A 284 18.52 4.04 2.54
C GLY A 284 19.37 2.83 2.22
N LYS A 285 19.96 2.78 1.02
CA LYS A 285 21.06 1.85 0.65
C LYS A 285 22.04 2.59 -0.27
N GLU A 286 23.33 2.28 -0.15
CA GLU A 286 24.43 2.66 -1.08
C GLU A 286 23.92 2.56 -2.53
N GLY A 287 23.90 3.68 -3.25
CA GLY A 287 23.57 3.75 -4.68
C GLY A 287 22.12 3.44 -5.01
N ILE A 288 21.18 3.60 -4.06
CA ILE A 288 19.73 3.36 -4.31
C ILE A 288 18.88 4.49 -3.70
N LEU A 289 19.04 4.73 -2.41
CA LEU A 289 18.31 5.80 -1.69
C LEU A 289 19.20 6.35 -0.57
N GLN A 290 19.46 7.66 -0.60
CA GLN A 290 20.29 8.38 0.40
C GLN A 290 19.56 8.38 1.74
N PRO A 291 20.31 8.18 2.85
CA PRO A 291 19.73 8.27 4.20
C PRO A 291 18.83 9.52 4.40
N ALA A 292 19.25 10.66 3.85
CA ALA A 292 18.55 11.96 3.95
C ALA A 292 17.16 11.86 3.32
N THR A 293 17.06 11.23 2.15
CA THR A 293 15.77 10.97 1.45
C THR A 293 14.88 10.08 2.34
N ALA A 294 15.43 8.97 2.85
CA ALA A 294 14.72 8.09 3.80
C ALA A 294 14.14 8.95 4.92
N ALA A 295 14.96 9.82 5.52
CA ALA A 295 14.54 10.68 6.66
C ALA A 295 13.43 11.63 6.21
N LEU A 296 13.57 12.19 5.00
CA LEU A 296 12.56 13.09 4.37
C LEU A 296 11.22 12.34 4.27
N MET A 297 11.26 11.08 3.84
CA MET A 297 10.03 10.29 3.54
C MET A 297 9.22 10.06 4.83
N ARG A 298 9.83 10.13 6.02
CA ARG A 298 9.16 9.84 7.32
C ARG A 298 8.99 11.12 8.15
N GLN A 299 9.27 12.28 7.58
CA GLN A 299 8.77 13.54 8.16
C GLN A 299 7.23 13.55 8.11
N ALA A 300 6.61 14.24 9.06
CA ALA A 300 5.16 14.50 9.10
C ALA A 300 4.80 15.65 8.14
N HIS A 301 4.97 15.45 6.82
CA HIS A 301 4.53 16.37 5.74
C HIS A 301 3.05 16.70 5.95
N VAL A 302 2.28 15.74 6.46
CA VAL A 302 0.91 15.93 7.00
C VAL A 302 0.99 15.67 8.50
N GLY A 303 0.51 16.62 9.32
CA GLY A 303 0.55 16.54 10.79
C GLY A 303 -0.39 15.48 11.32
N SER A 304 -0.20 15.06 12.57
CA SER A 304 -0.99 14.00 13.28
C SER A 304 -2.42 14.48 13.58
N HIS A 305 -2.75 15.75 13.27
CA HIS A 305 -4.14 16.26 13.29
C HIS A 305 -4.98 15.39 12.34
N ALA A 306 -4.36 14.81 11.31
CA ALA A 306 -5.03 14.06 10.22
C ALA A 306 -5.49 12.67 10.68
N GLU A 307 -4.93 12.15 11.78
CA GLU A 307 -5.29 10.85 12.41
C GLU A 307 -5.26 9.71 11.39
N THR A 308 -4.20 9.58 10.62
CA THR A 308 -4.25 8.75 9.39
C THR A 308 -4.34 7.25 9.71
N GLN A 309 -3.89 6.81 10.89
CA GLN A 309 -4.12 5.47 11.48
C GLN A 309 -4.77 5.65 12.85
N GLY A 310 -5.67 6.62 12.97
CA GLY A 310 -6.19 7.05 14.27
C GLY A 310 -5.26 8.07 14.91
N PRO A 311 -5.58 8.50 16.16
CA PRO A 311 -4.84 9.56 16.84
C PRO A 311 -3.33 9.26 16.89
N GLY A 312 -2.50 10.27 16.59
CA GLY A 312 -1.04 10.28 16.80
C GLY A 312 -0.28 10.12 15.50
N TRP A 313 -1.00 9.86 14.42
CA TRP A 313 -0.42 9.49 13.10
C TRP A 313 -0.68 10.60 12.06
N GLY A 314 0.40 11.14 11.49
CA GLY A 314 0.40 12.03 10.34
C GLY A 314 0.64 11.22 9.08
N PHE A 315 1.22 11.83 8.06
CA PHE A 315 1.58 11.14 6.80
C PHE A 315 2.83 11.78 6.20
N GLY A 316 3.66 10.91 5.63
CA GLY A 316 4.94 11.26 5.01
C GLY A 316 4.85 11.06 3.53
N PHE A 317 5.90 10.47 2.95
CA PHE A 317 5.94 9.94 1.57
C PHE A 317 6.08 8.42 1.67
N GLY A 318 4.99 7.69 1.39
CA GLY A 318 4.96 6.21 1.35
C GLY A 318 4.13 5.57 2.46
N GLY A 319 3.82 6.29 3.53
CA GLY A 319 2.90 5.79 4.57
C GLY A 319 2.70 6.79 5.69
N ALA A 320 2.04 6.37 6.76
CA ALA A 320 1.69 7.20 7.94
C ALA A 320 2.90 7.31 8.86
N VAL A 321 3.06 8.47 9.49
CA VAL A 321 4.19 8.81 10.38
C VAL A 321 3.62 8.93 11.78
N LEU A 322 4.20 8.21 12.74
CA LEU A 322 3.79 8.29 14.16
C LEU A 322 4.46 9.53 14.75
N GLU A 323 3.68 10.51 15.18
CA GLU A 323 4.18 11.72 15.89
C GLU A 323 4.04 11.52 17.41
N ASP A 324 3.03 10.79 17.89
CA ASP A 324 2.71 10.67 19.33
C ASP A 324 2.31 9.24 19.68
N ALA A 325 3.29 8.38 19.98
CA ALA A 325 3.11 6.95 20.31
C ALA A 325 2.12 6.75 21.47
N GLN A 326 2.13 7.64 22.47
CA GLN A 326 1.24 7.60 23.66
C GLN A 326 -0.23 7.77 23.25
N LEU A 327 -0.54 8.86 22.57
CA LEU A 327 -1.91 9.13 22.08
C LEU A 327 -2.40 7.91 21.29
N ALA A 328 -1.52 7.24 20.53
CA ALA A 328 -1.84 6.13 19.59
C ALA A 328 -1.83 4.77 20.29
N ALA A 329 -1.30 4.75 21.52
CA ALA A 329 -1.34 3.58 22.44
C ALA A 329 -0.74 2.40 21.70
N THR A 330 0.49 2.59 21.20
CA THR A 330 1.31 1.62 20.46
C THR A 330 2.66 1.53 21.16
N PRO A 331 3.31 0.33 21.22
CA PRO A 331 4.71 0.23 21.64
C PRO A 331 5.67 0.70 20.54
N GLN A 332 5.17 1.03 19.34
CA GLN A 332 6.01 1.61 18.26
C GLN A 332 6.51 2.97 18.74
N HIS A 333 7.67 3.40 18.25
CA HIS A 333 8.30 4.67 18.67
C HIS A 333 8.02 5.74 17.61
N ASN A 334 8.04 7.00 18.03
CA ASN A 334 7.88 8.16 17.12
C ASN A 334 8.85 8.00 15.97
N GLY A 335 8.41 8.35 14.75
CA GLY A 335 9.18 8.23 13.49
C GLY A 335 8.84 6.97 12.70
N THR A 336 8.07 6.06 13.30
CA THR A 336 7.57 4.81 12.69
C THR A 336 6.80 5.17 11.41
N LEU A 337 7.14 4.50 10.32
CA LEU A 337 6.43 4.61 9.03
C LEU A 337 5.60 3.34 8.89
N GLN A 338 4.31 3.46 8.59
CA GLN A 338 3.40 2.29 8.52
C GLN A 338 2.32 2.52 7.48
N TRP A 339 1.91 1.46 6.81
CA TRP A 339 0.65 1.43 6.03
C TRP A 339 0.25 -0.02 5.83
N GLY A 340 -0.80 -0.29 5.04
CA GLY A 340 -1.33 -1.65 4.84
C GLY A 340 -1.88 -1.85 3.44
N GLY A 341 -2.88 -2.75 3.32
CA GLY A 341 -3.57 -3.12 2.06
C GLY A 341 -4.91 -3.78 2.34
N VAL A 342 -5.95 -3.38 1.63
CA VAL A 342 -7.31 -3.95 1.86
C VAL A 342 -7.28 -5.46 1.67
N TYR A 343 -6.45 -6.04 0.82
CA TYR A 343 -6.45 -7.52 0.61
C TYR A 343 -6.05 -8.25 1.90
N GLY A 344 -5.33 -7.57 2.80
CA GLY A 344 -5.16 -8.01 4.21
C GLY A 344 -3.73 -7.85 4.68
N HIS A 345 -3.12 -6.67 4.56
CA HIS A 345 -1.66 -6.50 4.84
C HIS A 345 -1.42 -5.34 5.81
N SER A 346 -0.32 -5.45 6.57
CA SER A 346 0.28 -4.35 7.36
C SER A 346 1.80 -4.39 7.19
N TRP A 347 2.45 -3.25 7.30
CA TRP A 347 3.93 -3.17 7.33
C TRP A 347 4.33 -1.89 8.09
N PHE A 348 5.50 -1.91 8.69
CA PHE A 348 6.07 -0.72 9.38
C PHE A 348 7.55 -0.98 9.59
N TYR A 349 8.31 0.10 9.63
CA TYR A 349 9.65 0.13 10.26
C TYR A 349 9.55 1.13 11.40
N ASP A 350 10.15 0.79 12.54
CA ASP A 350 10.42 1.69 13.68
C ASP A 350 11.89 2.12 13.60
N PRO A 351 12.21 3.39 13.25
CA PRO A 351 13.60 3.83 13.08
C PRO A 351 14.39 3.76 14.39
N GLN A 352 13.75 4.00 15.54
CA GLN A 352 14.43 3.99 16.86
CA GLN A 352 14.37 3.95 16.90
C GLN A 352 14.80 2.53 17.22
N ALA A 353 13.93 1.55 16.96
CA ALA A 353 14.18 0.15 17.36
C ALA A 353 14.95 -0.59 16.27
N ALA A 354 15.21 0.05 15.14
CA ALA A 354 15.82 -0.51 13.89
C ALA A 354 15.08 -1.77 13.40
N ILE A 355 13.76 -1.84 13.54
CA ILE A 355 13.00 -3.07 13.16
C ILE A 355 12.06 -2.78 11.98
N SER A 356 11.88 -3.76 11.09
CA SER A 356 10.88 -3.77 10.01
C SER A 356 9.99 -5.01 10.20
N VAL A 357 8.70 -4.84 9.98
CA VAL A 357 7.67 -5.91 10.10
C VAL A 357 6.87 -5.92 8.82
N VAL A 358 6.71 -7.09 8.22
CA VAL A 358 5.81 -7.32 7.05
C VAL A 358 4.83 -8.43 7.44
N ALA A 359 3.54 -8.16 7.32
CA ALA A 359 2.46 -9.09 7.69
C ALA A 359 1.46 -9.18 6.55
N LEU A 360 1.75 -10.04 5.57
CA LEU A 360 0.85 -10.27 4.39
C LEU A 360 -0.14 -11.36 4.76
N THR A 361 -1.43 -11.14 4.52
CA THR A 361 -2.48 -12.19 4.67
C THR A 361 -3.34 -12.24 3.41
N ASN A 362 -4.13 -13.28 3.32
CA ASN A 362 -5.03 -13.51 2.16
C ASN A 362 -6.45 -13.29 2.68
N THR A 363 -6.60 -12.54 3.76
CA THR A 363 -7.91 -12.34 4.45
C THR A 363 -8.18 -10.84 4.63
N ALA A 364 -9.07 -10.28 3.83
CA ALA A 364 -9.61 -8.91 3.97
C ALA A 364 -10.91 -8.97 4.78
N PHE A 365 -11.12 -8.07 5.75
CA PHE A 365 -10.23 -7.00 6.12
C PHE A 365 -9.47 -7.33 7.41
N GLU A 366 -9.50 -8.56 7.91
CA GLU A 366 -8.85 -8.88 9.22
C GLU A 366 -7.37 -8.52 9.14
N GLY A 367 -6.68 -8.90 8.06
CA GLY A 367 -5.24 -8.63 7.90
C GLY A 367 -4.88 -7.14 7.87
N MET A 368 -5.81 -6.25 7.54
CA MET A 368 -5.51 -4.82 7.35
C MET A 368 -5.91 -4.07 8.61
N SER A 369 -7.18 -4.22 8.99
CA SER A 369 -7.85 -3.39 10.02
C SER A 369 -8.33 -4.22 11.20
N GLY A 370 -8.22 -5.54 11.15
CA GLY A 370 -8.68 -6.40 12.26
C GLY A 370 -7.75 -6.34 13.46
N ARG A 371 -7.87 -7.31 14.36
CA ARG A 371 -7.00 -7.43 15.55
C ARG A 371 -5.61 -7.95 15.12
N TYR A 372 -5.52 -8.73 14.04
CA TYR A 372 -4.31 -9.49 13.65
C TYR A 372 -3.09 -8.59 13.53
N PRO A 373 -3.11 -7.52 12.71
CA PRO A 373 -1.93 -6.68 12.53
C PRO A 373 -1.43 -6.09 13.87
N LEU A 374 -2.35 -5.76 14.78
CA LEU A 374 -2.03 -5.13 16.10
C LEU A 374 -1.42 -6.15 17.05
N GLN A 375 -1.95 -7.38 17.07
CA GLN A 375 -1.47 -8.45 17.96
C GLN A 375 -0.10 -8.89 17.48
N ILE A 376 0.13 -8.89 16.16
CA ILE A 376 1.49 -9.14 15.61
C ILE A 376 2.41 -8.02 16.12
N ARG A 377 1.98 -6.77 15.96
CA ARG A 377 2.73 -5.57 16.38
C ARG A 377 3.16 -5.79 17.83
N ASP A 378 2.20 -6.05 18.70
CA ASP A 378 2.40 -6.34 20.14
C ASP A 378 3.39 -7.51 20.34
N ALA A 379 3.27 -8.60 19.58
CA ALA A 379 4.19 -9.75 19.69
C ALA A 379 5.63 -9.31 19.36
N VAL A 380 5.83 -8.35 18.47
CA VAL A 380 7.20 -7.93 18.08
C VAL A 380 7.87 -7.22 19.27
N TYR A 381 7.13 -6.37 19.98
CA TYR A 381 7.67 -5.55 21.10
C TYR A 381 7.49 -6.25 22.47
N GLY A 382 6.88 -7.44 22.56
CA GLY A 382 6.80 -8.25 23.80
C GLY A 382 6.27 -7.50 25.00
C1 PEG B . 6.19 -9.90 -15.81
O1 PEG B . 6.37 -11.19 -16.38
C2 PEG B . 5.69 -9.97 -14.40
O2 PEG B . 6.72 -9.61 -13.49
C3 PEG B . 7.00 -10.59 -12.48
C4 PEG B . 6.16 -10.35 -11.22
O4 PEG B . 4.93 -11.11 -11.17
H11 PEG B . 5.53 -9.41 -16.35
H12 PEG B . 7.04 -9.42 -15.81
HO1 PEG B . 6.65 -11.10 -17.17
H21 PEG B . 5.39 -10.88 -14.20
H22 PEG B . 4.94 -9.35 -14.29
H31 PEG B . 7.94 -10.55 -12.23
H32 PEG B . 6.79 -11.48 -12.82
H41 PEG B . 5.92 -9.39 -11.19
H42 PEG B . 6.68 -10.59 -10.45
HO4 PEG B . 4.87 -11.59 -11.86
O1 PG4 C . -7.76 -3.40 -22.65
C1 PG4 C . -9.07 -3.95 -22.74
C2 PG4 C . -9.30 -5.06 -21.77
O2 PG4 C . -10.70 -5.42 -21.73
C3 PG4 C . -11.18 -5.75 -20.43
C4 PG4 C . -11.59 -7.18 -20.38
O3 PG4 C . -11.64 -7.73 -19.02
C5 PG4 C . -10.56 -8.68 -18.73
C6 PG4 C . -11.04 -10.09 -18.62
O4 PG4 C . -9.97 -11.00 -18.81
C7 PG4 C . -10.08 -11.82 -19.99
C8 PG4 C . -9.58 -13.21 -19.73
O5 PG4 C . -9.88 -14.11 -20.77
HO1 PG4 C . -7.67 -2.78 -23.22
H11 PG4 C . -9.21 -4.30 -23.65
H12 PG4 C . -9.72 -3.23 -22.55
H21 PG4 C . -9.03 -4.79 -20.87
H22 PG4 C . -8.79 -5.86 -22.04
H31 PG4 C . -11.95 -5.19 -20.20
H32 PG4 C . -10.47 -5.61 -19.77
H41 PG4 C . -10.96 -7.72 -20.90
H42 PG4 C . -12.49 -7.28 -20.78
H51 PG4 C . -10.14 -8.46 -17.86
H52 PG4 C . -9.88 -8.67 -19.43
H61 PG4 C . -11.73 -10.25 -19.31
H62 PG4 C . -11.44 -10.24 -17.73
H71 PG4 C . -9.56 -11.43 -20.71
H72 PG4 C . -11.02 -11.87 -20.27
H81 PG4 C . -9.99 -13.55 -18.90
H82 PG4 C . -8.61 -13.18 -19.62
HO5 PG4 C . -10.31 -13.71 -21.38
O1 PG4 D . 12.84 11.02 -21.34
C1 PG4 D . 11.89 11.99 -21.84
C2 PG4 D . 11.37 12.91 -20.74
O2 PG4 D . 11.16 14.26 -21.21
C3 PG4 D . 11.14 15.26 -20.17
C4 PG4 D . 11.67 16.60 -20.67
O3 PG4 D . 12.86 17.13 -19.90
C5 PG4 D . 14.36 17.16 -20.17
C6 PG4 D . 14.90 18.50 -20.68
O4 PG4 D . 15.54 18.36 -21.95
C7 PG4 D . 15.45 19.50 -22.80
C8 PG4 D . 15.69 19.17 -24.28
O5 PG4 D . 14.85 19.94 -25.16
HO1 PG4 D . 13.10 10.53 -21.97
H11 PG4 D . 11.12 11.51 -22.22
H12 PG4 D . 12.32 12.54 -22.53
H21 PG4 D . 12.02 12.95 -20.01
H22 PG4 D . 10.52 12.58 -20.40
H31 PG4 D . 11.70 14.97 -19.42
H32 PG4 D . 10.23 15.38 -19.86
H41 PG4 D . 10.97 17.27 -20.62
H42 PG4 D . 11.97 16.51 -21.60
H51 PG4 D . 14.59 16.50 -20.83
H52 PG4 D . 14.84 16.96 -19.33
H61 PG4 D . 15.54 18.86 -20.04
H62 PG4 D . 14.16 19.13 -20.77
H71 PG4 D . 16.12 20.17 -22.55
H72 PG4 D . 14.56 19.90 -22.73
H81 PG4 D . 15.50 18.22 -24.42
H82 PG4 D . 16.63 19.34 -24.50
HO5 PG4 D . 14.36 20.46 -24.70
OH2 1PE E . -9.35 5.40 9.52
C12 1PE E . -8.52 5.34 10.68
C22 1PE E . -7.46 4.26 10.58
OH3 1PE E . -7.11 3.75 11.87
C13 1PE E . -5.66 1.89 11.26
C23 1PE E . -6.93 2.33 11.95
OH4 1PE E . -5.89 0.78 10.40
C14 1PE E . -5.43 0.91 8.04
C24 1PE E . -4.90 0.57 9.40
OH5 1PE E . -4.40 0.84 7.05
C15 1PE E . -4.12 0.91 4.66
C25 1PE E . -4.65 1.63 5.89
OH6 1PE E . -5.14 0.87 3.66
C16 1PE E . -5.84 0.45 1.36
C26 1PE E . -4.69 0.51 2.35
OH7 1PE E . -5.65 -0.46 0.26
HO2 1PE E . -10.02 6.09 9.63
H121 1PE E . -8.05 6.31 10.81
H122 1PE E . -9.16 5.13 11.55
H221 1PE E . -7.84 3.46 9.95
H222 1PE E . -6.57 4.70 10.10
H131 1PE E . -5.27 2.73 10.69
H132 1PE E . -4.93 1.61 12.04
H231 1PE E . -6.91 2.03 13.00
H232 1PE E . -7.79 1.86 11.45
H141 1PE E . -6.22 0.20 7.77
H142 1PE E . -5.85 1.92 8.06
H241 1PE E . -4.04 1.20 9.63
H242 1PE E . -4.59 -0.47 9.42
H151 1PE E . -3.26 1.46 4.27
H152 1PE E . -3.83 -0.09 4.92
H251 1PE E . -5.73 1.78 5.79
H252 1PE E . -4.15 2.59 6.00
H161 1PE E . -6.72 0.15 1.92
H162 1PE E . -5.97 1.46 0.97
H261 1PE E . -3.96 1.25 2.01
H262 1PE E . -4.21 -0.47 2.41
HO7 1PE E . -4.78 -0.89 0.34
C1 EDO F . -17.91 3.13 -12.03
O1 EDO F . -16.49 3.13 -11.88
C2 EDO F . -18.68 2.89 -10.78
O2 EDO F . -20.07 2.80 -10.93
H11 EDO F . -18.17 2.43 -12.67
H12 EDO F . -18.19 4.01 -12.37
HO1 EDO F . -16.13 3.27 -12.63
H21 EDO F . -18.52 3.64 -10.16
H22 EDO F . -18.38 2.05 -10.38
HO2 EDO F . -20.28 2.90 -11.76
C1 PEG G . -9.28 1.82 2.74
O1 PEG G . -8.77 1.23 1.54
C2 PEG G . -8.20 2.40 3.63
O2 PEG G . -8.63 3.62 4.21
C3 PEG G . -7.61 4.31 4.95
C4 PEG G . -8.25 5.17 6.01
O4 PEG G . -7.76 4.87 7.32
H11 PEG G . -9.76 1.14 3.27
H12 PEG G . -9.89 2.56 2.51
HO1 PEG G . -9.42 0.91 1.09
H21 PEG G . -7.40 2.57 3.09
H22 PEG G . -7.97 1.76 4.34
H31 PEG G . -7.08 4.87 4.35
H32 PEG G . -7.02 3.66 5.38
H41 PEG G . -9.22 5.03 6.00
H42 PEG G . -8.05 6.11 5.82
HO4 PEG G . -7.19 4.25 7.26
#